data_8B3S
#
_entry.id   8B3S
#
_cell.length_a   69.713
_cell.length_b   69.713
_cell.length_c   89.601
_cell.angle_alpha   90.00
_cell.angle_beta   90.00
_cell.angle_gamma   120.00
#
_symmetry.space_group_name_H-M   'P 31'
#
loop_
_entity.id
_entity.type
_entity.pdbx_description
1 polymer 'UPF0736 protein B4122_0676,UPF0736 protein YjbA'
2 polymer 'ATP-dependent Clp protease ATP-binding subunit ClpC / Negative regulator of tic competence clcC/mecB'
3 non-polymer GLYCEROL
4 non-polymer 'MAGNESIUM ION'
5 water water
#
loop_
_entity_poly.entity_id
_entity_poly.type
_entity_poly.pdbx_seq_one_letter_code
_entity_poly.pdbx_strand_id
1 'polypeptide(L)'
;MGSSHHHHHHSSGLVPRGSHMMLFLHDVWVNWFEGEENGYNVCHFHEWRKEDTVELLDQVPLLRVPSVLFHYIENDLSEL
PKGLLEDVHQKSYIRKNHERTKLEYCFVVTDGIGILAVDTIGYTIPVRKSRLIPRQEQLVYEMVKDVEPETYEFEPKKLE
SSKEYHILSLAPEHVRGLTRKERQIKQLMFMALDQLKGLKNRAEIGYWYTEWNPHMYEQIKRMSFEEIWDMLYNETIEGW
SDKHLAFCENLIKGQPFFEKLWEMENESKVNQLMFMALDQLKGLKNRAEIGYWYTEWNPHMYEQIKRMSFEEIWDMLYNE
TIEGWSDKHLAFCENLIKGQPFFEKLWEMEN
;
A
2 'polypeptide(L)'
;GIDPFTMMFGRFTERAQKVLALAQEEALRLGHNNIGTEHILLGLVREGEGIAAKALQALGLGSEKIQKEVESLIGRGQEM
SQTIHYTPRAKKVIELSMDEARKLGHSYVGTEHILLGLIREGEGVAARVLNNLGVSLNKARQQVLQLLGSNETGSS
;
Z
#
loop_
_chem_comp.id
_chem_comp.type
_chem_comp.name
_chem_comp.formula
GOL non-polymer GLYCEROL 'C3 H8 O3'
MG non-polymer 'MAGNESIUM ION' 'Mg 2'
#
# COMPACT_ATOMS: atom_id res chain seq x y z
N HIS A 20 10.98 24.25 19.77
CA HIS A 20 10.01 23.65 20.68
C HIS A 20 8.60 24.14 20.38
N MET A 21 8.47 24.93 19.30
CA MET A 21 7.17 25.40 18.86
C MET A 21 6.47 24.30 18.07
N MET A 22 5.32 24.64 17.49
CA MET A 22 4.56 23.67 16.70
C MET A 22 5.13 23.60 15.29
N LEU A 23 5.41 22.39 14.83
CA LEU A 23 5.93 22.19 13.49
C LEU A 23 4.82 22.36 12.46
N PHE A 24 5.17 22.93 11.32
CA PHE A 24 4.22 23.18 10.25
C PHE A 24 4.80 22.76 8.91
N LEU A 25 3.97 22.14 8.10
CA LEU A 25 4.27 21.86 6.70
C LEU A 25 3.45 22.78 5.81
N HIS A 26 3.98 23.08 4.64
CA HIS A 26 3.32 23.94 3.69
C HIS A 26 3.27 23.26 2.33
N ASP A 27 2.19 23.53 1.58
CA ASP A 27 2.01 23.02 0.22
C ASP A 27 2.10 21.49 0.18
N VAL A 28 1.30 20.85 1.01
CA VAL A 28 1.28 19.40 1.11
C VAL A 28 0.21 18.85 0.17
N TRP A 29 0.63 17.98 -0.75
CA TRP A 29 -0.32 17.29 -1.61
C TRP A 29 -0.91 16.10 -0.87
N VAL A 30 -2.24 15.99 -0.88
CA VAL A 30 -2.93 14.90 -0.21
C VAL A 30 -3.90 14.24 -1.19
N ASN A 31 -4.21 12.98 -0.90
CA ASN A 31 -5.16 12.18 -1.67
C ASN A 31 -6.08 11.54 -0.63
N TRP A 32 -7.18 12.23 -0.33
CA TRP A 32 -8.02 11.86 0.81
C TRP A 32 -8.79 10.58 0.53
N PHE A 33 -8.83 9.69 1.53
CA PHE A 33 -9.71 8.54 1.52
C PHE A 33 -10.62 8.63 2.73
N GLU A 34 -11.93 8.65 2.48
CA GLU A 34 -12.94 9.04 3.45
C GLU A 34 -13.53 7.81 4.13
N GLY A 35 -13.65 7.86 5.45
CA GLY A 35 -14.29 6.80 6.21
C GLY A 35 -13.60 5.45 6.14
N GLU A 36 -12.27 5.44 6.16
CA GLU A 36 -11.51 4.20 6.08
C GLU A 36 -11.09 3.77 7.48
N GLU A 37 -11.65 2.64 7.92
CA GLU A 37 -11.28 2.07 9.22
C GLU A 37 -9.94 1.36 9.17
N ASN A 38 -9.53 0.90 7.99
CA ASN A 38 -8.32 0.10 7.82
C ASN A 38 -7.27 0.93 7.11
N GLY A 39 -6.06 0.96 7.67
CA GLY A 39 -5.00 1.77 7.10
C GLY A 39 -4.61 1.37 5.69
N TYR A 40 -4.76 0.08 5.36
CA TYR A 40 -4.35 -0.37 4.03
C TYR A 40 -5.20 0.24 2.93
N ASN A 41 -6.37 0.79 3.25
CA ASN A 41 -7.19 1.47 2.26
C ASN A 41 -6.79 2.93 2.05
N VAL A 42 -5.98 3.49 2.96
CA VAL A 42 -5.42 4.83 2.77
C VAL A 42 -4.16 4.64 1.94
N CYS A 43 -4.33 4.66 0.62
CA CYS A 43 -3.31 4.20 -0.30
C CYS A 43 -2.06 5.08 -0.27
N HIS A 44 -0.90 4.43 -0.34
CA HIS A 44 0.36 5.13 -0.42
C HIS A 44 0.52 5.77 -1.80
N PHE A 45 1.48 6.69 -1.90
CA PHE A 45 1.63 7.50 -3.11
C PHE A 45 1.79 6.63 -4.35
N HIS A 46 2.61 5.57 -4.26
CA HIS A 46 2.83 4.73 -5.43
C HIS A 46 1.58 3.99 -5.88
N GLU A 47 0.52 3.98 -5.06
CA GLU A 47 -0.76 3.42 -5.46
C GLU A 47 -1.74 4.45 -6.01
N TRP A 48 -1.40 5.74 -5.93
CA TRP A 48 -2.31 6.77 -6.42
C TRP A 48 -2.56 6.60 -7.91
N ARG A 49 -3.71 7.07 -8.35
CA ARG A 49 -4.11 6.98 -9.75
C ARG A 49 -4.30 8.38 -10.32
N LYS A 50 -4.11 8.50 -11.63
CA LYS A 50 -4.34 9.79 -12.28
CA LYS A 50 -4.34 9.78 -12.30
C LYS A 50 -5.79 10.23 -12.13
N GLU A 51 -6.71 9.29 -11.95
CA GLU A 51 -8.12 9.59 -11.76
C GLU A 51 -8.44 10.06 -10.34
N ASP A 52 -7.58 9.75 -9.37
CA ASP A 52 -7.76 10.31 -8.04
C ASP A 52 -7.75 11.83 -8.12
N THR A 53 -8.53 12.46 -7.25
CA THR A 53 -8.56 13.92 -7.16
C THR A 53 -7.62 14.33 -6.04
N VAL A 54 -6.42 14.78 -6.40
CA VAL A 54 -5.38 15.20 -5.47
C VAL A 54 -5.63 16.66 -5.08
N GLU A 55 -5.46 16.96 -3.80
CA GLU A 55 -5.67 18.30 -3.29
C GLU A 55 -4.40 18.82 -2.63
N LEU A 56 -4.44 20.09 -2.23
CA LEU A 56 -3.27 20.78 -1.73
C LEU A 56 -3.62 21.48 -0.43
N LEU A 57 -2.80 21.27 0.60
CA LEU A 57 -2.92 21.95 1.87
C LEU A 57 -1.93 23.10 1.91
N ASP A 58 -2.44 24.33 2.06
CA ASP A 58 -1.56 25.49 2.11
C ASP A 58 -0.60 25.40 3.30
N GLN A 59 -1.14 25.10 4.48
CA GLN A 59 -0.34 24.93 5.68
C GLN A 59 -1.04 23.91 6.58
N VAL A 60 -0.25 23.04 7.20
CA VAL A 60 -0.82 22.00 8.06
C VAL A 60 0.14 21.67 9.19
N PRO A 61 -0.32 21.65 10.44
CA PRO A 61 0.60 21.31 11.55
C PRO A 61 1.03 19.86 11.51
N LEU A 62 2.23 19.61 12.04
CA LEU A 62 2.84 18.30 12.05
C LEU A 62 3.08 17.85 13.48
N LEU A 63 2.61 16.66 13.82
CA LEU A 63 2.68 16.13 15.18
C LEU A 63 3.44 14.82 15.19
N ARG A 64 4.26 14.61 16.23
CA ARG A 64 4.91 13.34 16.48
C ARG A 64 4.31 12.69 17.72
N VAL A 65 3.86 11.45 17.57
CA VAL A 65 3.22 10.70 18.65
C VAL A 65 3.86 9.34 18.73
N PRO A 66 3.71 8.64 19.86
CA PRO A 66 4.20 7.26 19.94
C PRO A 66 3.43 6.34 19.01
N SER A 67 3.99 5.14 18.82
CA SER A 67 3.45 4.22 17.81
C SER A 67 2.02 3.81 18.13
N VAL A 68 1.70 3.62 19.42
CA VAL A 68 0.37 3.10 19.77
C VAL A 68 -0.71 4.12 19.43
N LEU A 69 -0.43 5.41 19.65
CA LEU A 69 -1.41 6.43 19.28
C LEU A 69 -1.52 6.56 17.76
N PHE A 70 -0.39 6.52 17.06
CA PHE A 70 -0.42 6.60 15.61
C PHE A 70 -1.24 5.46 15.02
N HIS A 71 -1.02 4.24 15.51
CA HIS A 71 -1.79 3.10 15.04
C HIS A 71 -3.26 3.28 15.33
N TYR A 72 -3.58 3.90 16.46
CA TYR A 72 -4.97 4.13 16.84
C TYR A 72 -5.66 5.11 15.87
N ILE A 73 -4.93 6.11 15.39
CA ILE A 73 -5.49 7.04 14.42
C ILE A 73 -5.54 6.41 13.04
N GLU A 74 -4.50 5.65 12.67
CA GLU A 74 -4.36 5.18 11.30
C GLU A 74 -5.31 4.04 10.99
N ASN A 75 -5.50 3.12 11.93
CA ASN A 75 -6.26 1.89 11.69
CA ASN A 75 -6.26 1.89 11.69
C ASN A 75 -7.56 1.87 12.48
N ASP A 76 -8.22 3.01 12.60
CA ASP A 76 -9.50 3.08 13.28
C ASP A 76 -10.18 4.41 12.96
N LEU A 77 -11.47 4.48 13.31
CA LEU A 77 -12.26 5.70 13.19
C LEU A 77 -12.88 5.98 14.56
N SER A 78 -12.01 6.28 15.53
CA SER A 78 -12.43 6.52 16.90
C SER A 78 -12.00 7.92 17.33
N GLU A 79 -12.49 8.34 18.50
CA GLU A 79 -12.34 9.73 18.93
C GLU A 79 -10.88 10.06 19.21
N LEU A 80 -10.42 11.16 18.62
CA LEU A 80 -9.05 11.61 18.83
C LEU A 80 -8.90 12.21 20.23
N PRO A 81 -7.68 12.21 20.78
CA PRO A 81 -7.48 12.83 22.09
C PRO A 81 -7.88 14.30 22.07
N LYS A 82 -8.55 14.74 23.13
CA LYS A 82 -9.02 16.12 23.20
C LYS A 82 -7.87 17.10 23.08
N GLY A 83 -6.73 16.79 23.69
CA GLY A 83 -5.59 17.68 23.61
C GLY A 83 -5.00 17.80 22.22
N LEU A 84 -5.06 16.71 21.44
CA LEU A 84 -4.61 16.79 20.06
C LEU A 84 -5.52 17.70 19.23
N LEU A 85 -6.83 17.57 19.42
CA LEU A 85 -7.77 18.39 18.66
C LEU A 85 -7.56 19.88 18.95
N GLU A 86 -7.46 20.25 20.23
CA GLU A 86 -7.28 21.66 20.57
C GLU A 86 -5.91 22.17 20.17
N ASP A 87 -4.93 21.28 20.05
CA ASP A 87 -3.61 21.69 19.55
C ASP A 87 -3.68 22.12 18.10
N VAL A 88 -4.44 21.39 17.28
CA VAL A 88 -4.50 21.62 15.84
C VAL A 88 -5.71 22.46 15.43
N HIS A 89 -6.54 22.88 16.37
CA HIS A 89 -7.78 23.56 16.03
C HIS A 89 -7.51 24.83 15.22
N GLN A 90 -7.96 24.83 13.97
CA GLN A 90 -7.91 26.01 13.10
C GLN A 90 -6.48 26.46 12.82
N LYS A 91 -5.53 25.53 12.85
CA LYS A 91 -4.13 25.83 12.56
C LYS A 91 -3.74 25.48 11.13
N SER A 92 -4.62 24.83 10.37
CA SER A 92 -4.35 24.47 8.99
C SER A 92 -5.20 25.33 8.06
N TYR A 93 -4.68 25.58 6.86
CA TYR A 93 -5.32 26.49 5.93
C TYR A 93 -5.31 25.91 4.53
N ILE A 94 -6.41 26.08 3.82
CA ILE A 94 -6.53 25.70 2.42
C ILE A 94 -7.00 26.90 1.62
N ARG A 95 -6.69 26.90 0.33
CA ARG A 95 -7.08 27.97 -0.57
C ARG A 95 -8.31 27.50 -1.34
N LYS A 96 -9.49 27.83 -0.80
CA LYS A 96 -10.76 27.44 -1.40
C LYS A 96 -11.37 28.66 -2.09
N ASN A 97 -11.47 28.59 -3.42
CA ASN A 97 -12.10 29.64 -4.22
C ASN A 97 -11.38 30.98 -4.07
N HIS A 98 -10.07 30.95 -4.29
CA HIS A 98 -9.23 32.15 -4.24
C HIS A 98 -9.39 32.90 -2.92
N GLU A 99 -9.52 32.14 -1.84
CA GLU A 99 -9.63 32.67 -0.49
C GLU A 99 -8.95 31.69 0.45
N ARG A 100 -8.01 32.18 1.25
CA ARG A 100 -7.38 31.35 2.26
C ARG A 100 -8.38 31.02 3.36
N THR A 101 -8.62 29.73 3.58
CA THR A 101 -9.68 29.27 4.47
C THR A 101 -9.10 28.42 5.60
N LYS A 102 -9.62 28.64 6.81
CA LYS A 102 -9.28 27.79 7.95
C LYS A 102 -9.97 26.44 7.86
N LEU A 103 -9.25 25.40 8.27
CA LEU A 103 -9.83 24.09 8.51
C LEU A 103 -9.91 23.83 10.01
N GLU A 104 -10.99 23.18 10.42
CA GLU A 104 -11.25 22.97 11.85
C GLU A 104 -10.20 22.07 12.48
N TYR A 105 -10.12 20.82 12.04
CA TYR A 105 -9.13 19.87 12.55
C TYR A 105 -8.50 19.16 11.36
N CYS A 106 -7.31 19.60 10.96
CA CYS A 106 -6.56 18.92 9.92
C CYS A 106 -5.08 18.99 10.29
N PHE A 107 -4.40 17.84 10.20
CA PHE A 107 -3.04 17.74 10.72
C PHE A 107 -2.35 16.54 10.10
N VAL A 108 -1.02 16.56 10.16
CA VAL A 108 -0.19 15.42 9.75
C VAL A 108 0.42 14.83 11.01
N VAL A 109 0.39 13.50 11.10
CA VAL A 109 0.85 12.81 12.30
C VAL A 109 1.81 11.69 11.91
N THR A 110 2.81 11.46 12.75
CA THR A 110 3.83 10.46 12.48
C THR A 110 4.38 9.92 13.78
N ASP A 111 4.92 8.71 13.71
CA ASP A 111 5.67 8.11 14.81
C ASP A 111 7.14 7.88 14.44
N GLY A 112 7.64 8.65 13.47
CA GLY A 112 8.96 8.40 12.92
C GLY A 112 9.04 7.30 11.89
N ILE A 113 7.96 6.52 11.72
CA ILE A 113 7.90 5.46 10.73
C ILE A 113 6.74 5.74 9.79
N GLY A 114 5.51 5.52 10.27
CA GLY A 114 4.34 5.85 9.49
C GLY A 114 4.06 7.34 9.48
N ILE A 115 3.42 7.79 8.42
CA ILE A 115 3.03 9.20 8.25
C ILE A 115 1.61 9.23 7.73
N LEU A 116 0.79 10.11 8.28
CA LEU A 116 -0.63 10.14 7.94
C LEU A 116 -1.16 11.56 8.05
N ALA A 117 -1.79 12.04 6.98
CA ALA A 117 -2.51 13.30 7.00
C ALA A 117 -3.98 13.04 7.32
N VAL A 118 -4.56 13.91 8.14
CA VAL A 118 -5.91 13.72 8.65
C VAL A 118 -6.69 15.02 8.48
N ASP A 119 -7.94 14.89 8.04
CA ASP A 119 -8.92 15.98 8.10
C ASP A 119 -10.20 15.39 8.67
N THR A 120 -10.57 15.83 9.87
CA THR A 120 -11.79 15.33 10.52
C THR A 120 -13.06 15.94 9.93
N ILE A 121 -12.93 16.85 8.96
CA ILE A 121 -14.00 17.67 8.41
C ILE A 121 -15.02 18.07 9.47
N GLY A 122 -14.54 18.40 10.68
CA GLY A 122 -15.39 18.85 11.75
C GLY A 122 -15.79 17.78 12.75
N TYR A 123 -15.53 16.51 12.46
CA TYR A 123 -15.78 15.46 13.43
C TYR A 123 -14.68 15.47 14.49
N THR A 124 -14.79 14.57 15.46
CA THR A 124 -13.71 14.32 16.40
C THR A 124 -12.96 13.03 16.05
N ILE A 125 -13.25 12.43 14.92
CA ILE A 125 -12.61 11.19 14.49
C ILE A 125 -11.93 11.47 13.15
N PRO A 126 -10.91 10.67 12.80
CA PRO A 126 -10.17 10.93 11.55
C PRO A 126 -10.93 10.53 10.29
N VAL A 127 -11.98 11.30 9.95
CA VAL A 127 -12.86 10.91 8.85
C VAL A 127 -12.08 10.78 7.54
N ARG A 128 -11.24 11.77 7.24
CA ARG A 128 -10.45 11.76 6.02
C ARG A 128 -8.99 11.48 6.34
N LYS A 129 -8.37 10.62 5.54
CA LYS A 129 -6.99 10.19 5.76
C LYS A 129 -6.25 10.22 4.44
N SER A 130 -4.96 10.54 4.50
CA SER A 130 -4.13 10.57 3.30
C SER A 130 -2.70 10.22 3.67
N ARG A 131 -1.99 9.62 2.71
CA ARG A 131 -0.55 9.51 2.78
C ARG A 131 0.08 10.73 2.11
N LEU A 132 1.37 10.90 2.33
CA LEU A 132 2.10 12.00 1.74
C LEU A 132 2.96 11.50 0.57
N ILE A 133 3.29 12.42 -0.33
CA ILE A 133 4.14 12.09 -1.47
C ILE A 133 5.55 11.85 -0.93
N PRO A 134 6.37 11.02 -1.61
CA PRO A 134 7.64 10.58 -1.00
C PRO A 134 8.57 11.70 -0.56
N ARG A 135 8.74 12.74 -1.38
CA ARG A 135 9.66 13.82 -1.02
C ARG A 135 9.24 14.49 0.28
N GLN A 136 7.93 14.63 0.51
CA GLN A 136 7.47 15.29 1.72
C GLN A 136 7.47 14.35 2.92
N GLU A 137 7.34 13.04 2.68
CA GLU A 137 7.60 12.07 3.75
C GLU A 137 9.01 12.22 4.28
N GLN A 138 9.99 12.25 3.36
CA GLN A 138 11.38 12.42 3.76
C GLN A 138 11.59 13.75 4.49
N LEU A 139 10.89 14.79 4.05
CA LEU A 139 10.91 16.06 4.76
C LEU A 139 10.40 15.89 6.18
N VAL A 140 9.32 15.11 6.35
CA VAL A 140 8.76 14.87 7.67
C VAL A 140 9.78 14.14 8.55
N TYR A 141 10.44 13.12 8.00
CA TYR A 141 11.42 12.37 8.76
C TYR A 141 12.56 13.26 9.23
N GLU A 142 13.05 14.15 8.37
CA GLU A 142 14.11 15.07 8.75
C GLU A 142 13.62 16.08 9.79
N MET A 143 12.36 16.51 9.69
CA MET A 143 11.84 17.48 10.63
C MET A 143 11.62 16.88 12.01
N VAL A 144 11.29 15.60 12.08
CA VAL A 144 11.00 14.94 13.35
C VAL A 144 12.19 14.10 13.84
N LYS A 145 13.38 14.36 13.32
CA LYS A 145 14.56 13.60 13.71
C LYS A 145 14.85 13.75 15.20
N ASP A 146 14.84 15.00 15.69
CA ASP A 146 15.21 15.29 17.06
C ASP A 146 14.01 15.51 17.98
N VAL A 147 12.81 15.20 17.52
CA VAL A 147 11.61 15.56 18.27
C VAL A 147 11.24 14.44 19.22
N GLU A 148 10.70 14.81 20.37
CA GLU A 148 10.18 13.87 21.34
C GLU A 148 8.69 13.68 21.13
N PRO A 149 8.19 12.44 21.16
CA PRO A 149 6.76 12.23 20.90
C PRO A 149 5.87 12.88 21.94
N GLU A 150 4.68 13.27 21.50
CA GLU A 150 3.65 13.83 22.38
C GLU A 150 2.65 12.74 22.71
N THR A 151 2.33 12.61 24.00
CA THR A 151 1.46 11.54 24.47
C THR A 151 -0.02 11.86 24.30
N TYR A 152 -0.42 13.10 24.55
CA TYR A 152 -1.82 13.53 24.52
C TYR A 152 -2.70 12.73 25.47
N GLU A 153 -2.09 12.13 26.50
CA GLU A 153 -2.80 11.39 27.53
C GLU A 153 -3.62 10.24 26.96
N PHE A 154 -3.12 9.60 25.91
CA PHE A 154 -3.83 8.49 25.28
C PHE A 154 -3.56 7.20 26.03
N GLU A 155 -4.62 6.44 26.29
CA GLU A 155 -4.50 5.13 26.91
C GLU A 155 -5.56 4.23 26.29
N PRO A 156 -5.19 3.00 25.87
CA PRO A 156 -6.15 2.02 25.36
C PRO A 156 -6.65 1.09 26.47
N GLU A 164 -14.98 -6.95 14.24
CA GLU A 164 -14.03 -5.99 13.66
C GLU A 164 -14.01 -6.09 12.14
N TYR A 165 -13.70 -7.27 11.63
CA TYR A 165 -13.58 -7.52 10.20
C TYR A 165 -14.70 -8.43 9.73
N HIS A 166 -15.11 -8.24 8.48
CA HIS A 166 -16.22 -9.00 7.90
C HIS A 166 -16.07 -8.99 6.38
N ILE A 167 -17.07 -9.54 5.68
CA ILE A 167 -16.94 -9.79 4.25
C ILE A 167 -16.93 -8.51 3.44
N LEU A 168 -17.49 -7.41 3.95
CA LEU A 168 -17.44 -6.13 3.28
C LEU A 168 -16.32 -5.23 3.82
N SER A 169 -15.46 -5.78 4.69
CA SER A 169 -14.33 -5.04 5.25
C SER A 169 -13.23 -6.03 5.60
N LEU A 170 -12.40 -6.37 4.62
CA LEU A 170 -11.51 -7.52 4.75
C LEU A 170 -10.42 -7.27 5.79
N ALA A 171 -10.09 -8.33 6.53
CA ALA A 171 -8.98 -8.29 7.45
C ALA A 171 -7.67 -8.08 6.67
N PRO A 172 -6.68 -7.43 7.29
CA PRO A 172 -5.42 -7.17 6.57
C PRO A 172 -4.74 -8.43 6.06
N GLU A 173 -4.84 -9.54 6.79
CA GLU A 173 -4.23 -10.80 6.35
C GLU A 173 -4.77 -11.26 5.01
N HIS A 174 -5.97 -10.83 4.63
CA HIS A 174 -6.61 -11.29 3.41
C HIS A 174 -6.42 -10.31 2.24
N VAL A 175 -5.74 -9.18 2.47
CA VAL A 175 -5.30 -8.30 1.40
C VAL A 175 -3.78 -8.20 1.36
N ARG A 176 -3.09 -8.98 2.19
CA ARG A 176 -1.63 -8.96 2.23
C ARG A 176 -1.05 -9.31 0.86
N GLY A 177 -0.12 -8.47 0.41
CA GLY A 177 0.60 -8.71 -0.83
C GLY A 177 -0.15 -8.34 -2.09
N LEU A 178 -1.28 -7.63 -1.99
CA LEU A 178 -2.09 -7.26 -3.14
C LEU A 178 -1.93 -5.79 -3.45
N THR A 179 -1.88 -5.46 -4.73
CA THR A 179 -1.90 -4.07 -5.15
C THR A 179 -3.28 -3.46 -4.86
N ARG A 180 -3.37 -2.13 -5.02
CA ARG A 180 -4.65 -1.45 -4.87
C ARG A 180 -5.69 -2.04 -5.82
N LYS A 181 -5.28 -2.35 -7.05
CA LYS A 181 -6.20 -2.92 -8.02
C LYS A 181 -6.70 -4.30 -7.57
N GLU A 182 -5.79 -5.14 -7.10
CA GLU A 182 -6.19 -6.49 -6.69
C GLU A 182 -7.05 -6.46 -5.44
N ARG A 183 -6.76 -5.56 -4.50
CA ARG A 183 -7.63 -5.38 -3.34
C ARG A 183 -9.05 -5.05 -3.78
N GLN A 184 -9.19 -4.16 -4.76
CA GLN A 184 -10.51 -3.70 -5.17
C GLN A 184 -11.26 -4.80 -5.91
N ILE A 185 -10.57 -5.56 -6.75
CA ILE A 185 -11.23 -6.67 -7.44
C ILE A 185 -11.59 -7.78 -6.46
N LYS A 186 -10.71 -8.04 -5.48
CA LYS A 186 -11.01 -9.07 -4.49
C LYS A 186 -12.23 -8.69 -3.64
N GLN A 187 -12.30 -7.43 -3.21
CA GLN A 187 -13.46 -6.99 -2.44
C GLN A 187 -14.74 -7.08 -3.26
N LEU A 188 -14.65 -6.73 -4.56
CA LEU A 188 -15.80 -6.92 -5.44
C LEU A 188 -16.20 -8.38 -5.51
N MET A 189 -15.22 -9.28 -5.60
CA MET A 189 -15.52 -10.71 -5.64
C MET A 189 -16.33 -11.15 -4.42
N PHE A 190 -15.93 -10.68 -3.23
CA PHE A 190 -16.62 -11.09 -2.03
C PHE A 190 -17.89 -10.28 -1.77
N MET A 191 -18.04 -9.14 -2.43
CA MET A 191 -19.36 -8.51 -2.52
C MET A 191 -20.31 -9.41 -3.29
N ALA A 192 -19.87 -9.94 -4.43
CA ALA A 192 -20.72 -10.82 -5.22
C ALA A 192 -21.01 -12.11 -4.47
N LEU A 193 -20.01 -12.64 -3.76
CA LEU A 193 -20.24 -13.84 -2.96
C LEU A 193 -21.23 -13.56 -1.83
N ASP A 194 -21.14 -12.36 -1.24
CA ASP A 194 -22.09 -12.00 -0.18
C ASP A 194 -23.51 -11.92 -0.72
N GLN A 195 -23.67 -11.34 -1.91
CA GLN A 195 -24.99 -11.33 -2.55
C GLN A 195 -25.46 -12.75 -2.86
N LEU A 196 -24.54 -13.61 -3.29
CA LEU A 196 -24.87 -15.01 -3.55
C LEU A 196 -25.44 -15.68 -2.32
N LYS A 197 -24.96 -15.28 -1.13
CA LYS A 197 -25.48 -15.85 0.11
C LYS A 197 -26.95 -15.53 0.31
N GLY A 198 -27.32 -14.25 0.17
CA GLY A 198 -28.70 -13.84 0.40
C GLY A 198 -29.69 -14.42 -0.58
N LEU A 199 -29.23 -14.90 -1.74
CA LEU A 199 -30.14 -15.49 -2.70
C LEU A 199 -30.55 -16.90 -2.31
N LYS A 200 -29.73 -17.61 -1.54
CA LYS A 200 -30.06 -18.87 -0.92
C LYS A 200 -30.42 -19.96 -1.92
N ASN A 201 -30.00 -19.85 -3.18
CA ASN A 201 -30.30 -20.85 -4.18
C ASN A 201 -29.24 -21.95 -4.12
N ARG A 202 -29.68 -23.16 -3.74
CA ARG A 202 -28.77 -24.28 -3.59
C ARG A 202 -28.08 -24.63 -4.91
N ALA A 203 -28.85 -24.66 -6.00
CA ALA A 203 -28.29 -25.01 -7.30
C ALA A 203 -27.25 -23.98 -7.75
N GLU A 204 -27.48 -22.71 -7.45
CA GLU A 204 -26.54 -21.68 -7.86
C GLU A 204 -25.22 -21.78 -7.09
N ILE A 205 -25.30 -21.97 -5.77
CA ILE A 205 -24.08 -22.07 -4.98
C ILE A 205 -23.32 -23.34 -5.30
N GLY A 206 -24.03 -24.43 -5.61
CA GLY A 206 -23.36 -25.64 -6.03
C GLY A 206 -22.62 -25.45 -7.35
N TYR A 207 -23.20 -24.67 -8.26
CA TYR A 207 -22.52 -24.35 -9.50
C TYR A 207 -21.21 -23.62 -9.25
N TRP A 208 -21.27 -22.53 -8.46
CA TRP A 208 -20.10 -21.68 -8.30
C TRP A 208 -19.01 -22.36 -7.48
N TYR A 209 -19.39 -23.18 -6.48
CA TYR A 209 -18.38 -23.93 -5.76
C TYR A 209 -17.71 -24.95 -6.68
N THR A 210 -18.50 -25.62 -7.53
CA THR A 210 -17.92 -26.57 -8.47
C THR A 210 -17.01 -25.88 -9.48
N GLU A 211 -17.30 -24.62 -9.81
CA GLU A 211 -16.38 -23.86 -10.65
C GLU A 211 -15.05 -23.63 -9.94
N TRP A 212 -15.09 -23.44 -8.62
CA TRP A 212 -13.86 -23.28 -7.86
C TRP A 212 -13.19 -24.62 -7.60
N ASN A 213 -13.96 -25.61 -7.14
CA ASN A 213 -13.42 -26.90 -6.75
C ASN A 213 -14.32 -28.00 -7.34
N PRO A 214 -14.01 -28.46 -8.55
CA PRO A 214 -14.88 -29.46 -9.20
C PRO A 214 -14.71 -30.87 -8.66
N HIS A 215 -13.73 -31.12 -7.79
CA HIS A 215 -13.44 -32.47 -7.31
C HIS A 215 -14.17 -32.80 -6.02
N MET A 216 -15.12 -31.97 -5.60
CA MET A 216 -15.94 -32.23 -4.42
C MET A 216 -17.37 -32.63 -4.79
N TYR A 217 -17.59 -33.06 -6.03
CA TYR A 217 -18.93 -33.30 -6.54
C TYR A 217 -19.70 -34.29 -5.67
N GLU A 218 -19.01 -35.31 -5.16
CA GLU A 218 -19.67 -36.33 -4.36
C GLU A 218 -19.96 -35.83 -2.94
N GLN A 219 -19.00 -35.09 -2.35
CA GLN A 219 -19.13 -34.73 -0.94
C GLN A 219 -20.21 -33.67 -0.71
N ILE A 220 -20.34 -32.70 -1.61
CA ILE A 220 -21.23 -31.54 -1.37
C ILE A 220 -22.70 -31.84 -1.59
N LYS A 221 -23.06 -33.04 -2.03
CA LYS A 221 -24.41 -33.26 -2.55
C LYS A 221 -25.43 -33.56 -1.46
N ARG A 222 -24.99 -33.97 -0.28
CA ARG A 222 -25.84 -34.02 0.89
C ARG A 222 -25.89 -32.68 1.64
N MET A 223 -25.08 -31.72 1.20
CA MET A 223 -24.86 -30.50 1.95
C MET A 223 -25.93 -29.46 1.64
N SER A 224 -26.23 -28.64 2.64
CA SER A 224 -27.14 -27.52 2.47
C SER A 224 -26.46 -26.38 1.71
N PHE A 225 -27.27 -25.40 1.32
CA PHE A 225 -26.73 -24.19 0.72
C PHE A 225 -25.69 -23.55 1.63
N GLU A 226 -25.98 -23.50 2.92
CA GLU A 226 -25.11 -22.79 3.86
C GLU A 226 -23.76 -23.49 4.01
N GLU A 227 -23.77 -24.82 4.09
CA GLU A 227 -22.51 -25.55 4.21
C GLU A 227 -21.64 -25.37 2.97
N ILE A 228 -22.26 -25.33 1.79
CA ILE A 228 -21.49 -25.19 0.55
C ILE A 228 -20.93 -23.77 0.43
N TRP A 229 -21.75 -22.76 0.72
CA TRP A 229 -21.27 -21.38 0.66
C TRP A 229 -20.09 -21.18 1.61
N ASP A 230 -20.13 -21.84 2.77
CA ASP A 230 -19.02 -21.72 3.72
C ASP A 230 -17.74 -22.31 3.14
N MET A 231 -17.83 -23.49 2.53
CA MET A 231 -16.66 -24.08 1.89
C MET A 231 -16.12 -23.18 0.78
N LEU A 232 -17.01 -22.59 0.00
CA LEU A 232 -16.58 -21.69 -1.07
C LEU A 232 -15.85 -20.47 -0.51
N TYR A 233 -16.41 -19.86 0.53
CA TYR A 233 -15.75 -18.73 1.17
C TYR A 233 -14.40 -19.12 1.74
N ASN A 234 -14.35 -20.25 2.47
CA ASN A 234 -13.12 -20.66 3.12
C ASN A 234 -12.01 -20.97 2.12
N GLU A 235 -12.36 -21.47 0.94
CA GLU A 235 -11.37 -21.86 -0.05
C GLU A 235 -10.97 -20.73 -0.98
N THR A 236 -11.59 -19.56 -0.86
CA THR A 236 -11.24 -18.40 -1.68
C THR A 236 -10.69 -17.23 -0.89
N ILE A 237 -10.92 -17.17 0.43
CA ILE A 237 -10.64 -15.95 1.18
C ILE A 237 -9.13 -15.68 1.29
N GLU A 238 -8.31 -16.72 1.19
N GLU A 238 -8.31 -16.72 1.19
CA GLU A 238 -6.87 -16.57 1.35
CA GLU A 238 -6.87 -16.58 1.36
C GLU A 238 -6.21 -16.26 0.01
C GLU A 238 -6.21 -16.27 0.01
N GLY A 239 -5.42 -15.20 -0.02
CA GLY A 239 -4.59 -14.91 -1.16
C GLY A 239 -5.30 -14.32 -2.36
N TRP A 240 -4.71 -14.52 -3.53
CA TRP A 240 -5.17 -14.02 -4.81
C TRP A 240 -4.39 -14.76 -5.89
N SER A 241 -4.96 -14.81 -7.10
CA SER A 241 -4.39 -15.60 -8.18
C SER A 241 -5.14 -15.28 -9.47
N ASP A 242 -4.59 -15.79 -10.58
CA ASP A 242 -5.31 -15.73 -11.85
C ASP A 242 -6.60 -16.53 -11.78
N LYS A 243 -6.62 -17.61 -11.00
CA LYS A 243 -7.84 -18.38 -10.78
C LYS A 243 -8.89 -17.52 -10.09
N HIS A 244 -8.51 -16.81 -9.04
CA HIS A 244 -9.40 -15.83 -8.40
C HIS A 244 -9.94 -14.85 -9.43
N LEU A 245 -9.05 -14.20 -10.17
CA LEU A 245 -9.44 -13.15 -11.11
C LEU A 245 -10.43 -13.69 -12.15
N ALA A 246 -10.16 -14.87 -12.70
CA ALA A 246 -11.06 -15.44 -13.70
C ALA A 246 -12.40 -15.82 -13.07
N PHE A 247 -12.38 -16.36 -11.85
CA PHE A 247 -13.61 -16.69 -11.16
C PHE A 247 -14.48 -15.46 -10.93
N CYS A 248 -13.86 -14.37 -10.47
CA CYS A 248 -14.61 -13.15 -10.20
C CYS A 248 -15.23 -12.58 -11.47
N GLU A 249 -14.52 -12.69 -12.60
CA GLU A 249 -15.05 -12.17 -13.85
C GLU A 249 -16.32 -12.89 -14.27
N ASN A 250 -16.37 -14.21 -14.06
CA ASN A 250 -17.58 -14.96 -14.37
C ASN A 250 -18.67 -14.73 -13.33
N LEU A 251 -18.29 -14.71 -12.05
CA LEU A 251 -19.25 -14.58 -10.96
C LEU A 251 -20.14 -13.35 -11.13
N ILE A 252 -19.55 -12.23 -11.55
CA ILE A 252 -20.27 -10.95 -11.60
C ILE A 252 -21.10 -10.77 -12.85
N LYS A 253 -20.95 -11.65 -13.84
CA LYS A 253 -21.67 -11.48 -15.10
C LYS A 253 -23.18 -11.47 -14.86
N GLY A 254 -23.86 -10.51 -15.48
CA GLY A 254 -25.28 -10.34 -15.32
C GLY A 254 -25.69 -9.34 -14.26
N GLN A 255 -24.76 -8.86 -13.44
CA GLN A 255 -25.04 -7.85 -12.42
C GLN A 255 -24.44 -6.53 -12.86
N PRO A 256 -25.22 -5.62 -13.45
CA PRO A 256 -24.64 -4.39 -14.01
C PRO A 256 -23.87 -3.55 -13.00
N PHE A 257 -24.28 -3.57 -11.72
CA PHE A 257 -23.53 -2.81 -10.72
C PHE A 257 -22.14 -3.40 -10.53
N PHE A 258 -22.06 -4.73 -10.40
CA PHE A 258 -20.76 -5.39 -10.28
C PHE A 258 -19.93 -5.20 -11.54
N GLU A 259 -20.58 -5.30 -12.70
CA GLU A 259 -19.86 -5.16 -13.96
C GLU A 259 -19.30 -3.75 -14.12
N LYS A 260 -20.04 -2.75 -13.64
CA LYS A 260 -19.53 -1.37 -13.67
C LYS A 260 -18.27 -1.24 -12.82
N LEU A 261 -18.30 -1.79 -11.60
CA LEU A 261 -17.13 -1.76 -10.74
C LEU A 261 -15.95 -2.47 -11.39
N TRP A 262 -16.21 -3.61 -12.03
CA TRP A 262 -15.15 -4.35 -12.71
C TRP A 262 -14.54 -3.53 -13.85
N GLU A 263 -15.39 -2.84 -14.63
CA GLU A 263 -14.89 -2.08 -15.78
C GLU A 263 -14.05 -0.89 -15.34
N MET A 264 -14.34 -0.32 -14.18
CA MET A 264 -13.53 0.81 -13.69
CA MET A 264 -13.53 0.80 -13.70
C MET A 264 -12.13 0.37 -13.29
N GLU A 265 -11.97 -0.90 -12.88
CA GLU A 265 -10.70 -1.39 -12.40
C GLU A 265 -9.85 -2.04 -13.48
N ASN A 266 -10.42 -2.40 -14.62
CA ASN A 266 -9.68 -3.17 -15.62
C ASN A 266 -9.46 -2.39 -16.91
N ILE B 2 8.56 21.19 -3.75
CA ILE B 2 9.33 21.59 -4.91
C ILE B 2 8.41 21.95 -6.06
N ASP B 3 8.97 21.97 -7.27
CA ASP B 3 8.23 22.37 -8.46
C ASP B 3 7.12 21.37 -8.77
N PRO B 4 5.86 21.78 -8.87
CA PRO B 4 4.78 20.81 -9.12
C PRO B 4 4.74 20.29 -10.54
N PHE B 5 5.44 20.92 -11.49
CA PHE B 5 5.62 20.30 -12.79
C PHE B 5 6.56 19.08 -12.71
N THR B 6 7.29 18.93 -11.61
CA THR B 6 8.04 17.72 -11.31
C THR B 6 7.16 16.67 -10.64
N MET B 7 6.11 17.10 -9.95
CA MET B 7 5.27 16.24 -9.13
C MET B 7 4.19 15.62 -10.01
N MET B 8 4.34 14.33 -10.33
CA MET B 8 3.35 13.63 -11.15
C MET B 8 3.01 12.29 -10.50
N PHE B 9 1.72 12.05 -10.32
CA PHE B 9 1.19 10.89 -9.62
C PHE B 9 0.53 9.93 -10.60
N GLY B 10 0.26 8.72 -10.11
CA GLY B 10 -0.38 7.70 -10.93
C GLY B 10 0.50 7.09 -11.99
N ARG B 11 1.82 7.09 -11.80
CA ARG B 11 2.75 6.69 -12.84
C ARG B 11 3.36 5.31 -12.61
N PHE B 12 3.22 4.73 -11.42
CA PHE B 12 3.77 3.41 -11.17
C PHE B 12 2.99 2.36 -11.96
N THR B 13 3.71 1.55 -12.74
CA THR B 13 3.08 0.45 -13.44
C THR B 13 2.50 -0.54 -12.43
N GLU B 14 1.52 -1.33 -12.89
CA GLU B 14 0.93 -2.34 -12.01
C GLU B 14 1.97 -3.34 -11.56
N ARG B 15 2.91 -3.71 -12.43
CA ARG B 15 3.96 -4.64 -12.04
C ARG B 15 4.88 -4.02 -10.99
N ALA B 16 5.16 -2.72 -11.11
CA ALA B 16 5.97 -2.05 -10.09
C ALA B 16 5.23 -2.00 -8.76
N GLN B 17 3.91 -1.72 -8.80
CA GLN B 17 3.12 -1.76 -7.59
C GLN B 17 3.08 -3.16 -6.98
N LYS B 18 3.07 -4.19 -7.83
CA LYS B 18 3.06 -5.56 -7.33
C LYS B 18 4.35 -5.89 -6.61
N VAL B 19 5.48 -5.43 -7.15
CA VAL B 19 6.77 -5.61 -6.47
C VAL B 19 6.71 -5.01 -5.07
N LEU B 20 6.21 -3.78 -4.97
CA LEU B 20 6.12 -3.13 -3.67
C LEU B 20 5.09 -3.79 -2.79
N ALA B 21 4.02 -4.35 -3.37
CA ALA B 21 3.06 -5.11 -2.58
C ALA B 21 3.67 -6.44 -2.13
N LEU B 22 4.37 -7.13 -3.02
CA LEU B 22 5.01 -8.39 -2.64
C LEU B 22 6.04 -8.18 -1.54
N ALA B 23 6.58 -6.97 -1.40
CA ALA B 23 7.58 -6.71 -0.36
C ALA B 23 6.99 -6.83 1.04
N GLN B 24 5.74 -6.41 1.23
CA GLN B 24 5.09 -6.62 2.53
C GLN B 24 4.95 -8.11 2.83
N GLU B 25 4.71 -8.92 1.80
CA GLU B 25 4.59 -10.35 2.00
C GLU B 25 5.93 -10.96 2.37
N GLU B 26 7.00 -10.57 1.64
CA GLU B 26 8.33 -11.05 1.95
C GLU B 26 8.73 -10.72 3.37
N ALA B 27 8.39 -9.53 3.85
CA ALA B 27 8.73 -9.13 5.21
C ALA B 27 8.04 -10.02 6.23
N LEU B 28 6.71 -10.14 6.12
CA LEU B 28 5.96 -10.96 7.07
C LEU B 28 6.36 -12.42 6.99
N ARG B 29 6.74 -12.91 5.81
CA ARG B 29 7.29 -14.26 5.70
C ARG B 29 8.52 -14.40 6.58
N LEU B 30 9.41 -13.42 6.55
CA LEU B 30 10.57 -13.40 7.42
C LEU B 30 10.24 -13.00 8.85
N GLY B 31 8.97 -12.69 9.13
CA GLY B 31 8.56 -12.33 10.48
C GLY B 31 9.01 -10.96 10.93
N HIS B 32 9.26 -10.05 10.01
CA HIS B 32 9.81 -8.75 10.37
C HIS B 32 8.70 -7.74 10.63
N ASN B 33 9.06 -6.69 11.38
CA ASN B 33 8.11 -5.69 11.85
C ASN B 33 7.99 -4.49 10.91
N ASN B 34 8.84 -4.39 9.89
CA ASN B 34 8.78 -3.29 8.95
C ASN B 34 9.33 -3.75 7.61
N ILE B 35 8.91 -3.08 6.55
CA ILE B 35 9.37 -3.36 5.20
C ILE B 35 10.63 -2.54 4.93
N GLY B 36 11.76 -3.22 4.79
CA GLY B 36 13.02 -2.56 4.48
C GLY B 36 13.41 -2.75 3.02
N THR B 37 14.58 -2.19 2.70
CA THR B 37 15.10 -2.30 1.33
C THR B 37 15.31 -3.74 0.92
N GLU B 38 15.67 -4.61 1.87
CA GLU B 38 15.88 -6.02 1.55
C GLU B 38 14.57 -6.69 1.10
N HIS B 39 13.44 -6.27 1.66
CA HIS B 39 12.17 -6.87 1.28
C HIS B 39 11.70 -6.35 -0.07
N ILE B 40 12.09 -5.14 -0.46
CA ILE B 40 11.80 -4.67 -1.81
C ILE B 40 12.62 -5.44 -2.83
N LEU B 41 13.89 -5.70 -2.52
CA LEU B 41 14.72 -6.54 -3.38
C LEU B 41 14.12 -7.95 -3.49
N LEU B 42 13.76 -8.54 -2.35
CA LEU B 42 13.14 -9.86 -2.37
C LEU B 42 11.85 -9.86 -3.18
N GLY B 43 11.04 -8.82 -3.03
CA GLY B 43 9.84 -8.71 -3.85
C GLY B 43 10.15 -8.51 -5.32
N LEU B 44 11.25 -7.83 -5.62
CA LEU B 44 11.61 -7.58 -7.02
C LEU B 44 11.96 -8.88 -7.73
N VAL B 45 12.81 -9.70 -7.13
CA VAL B 45 13.20 -10.97 -7.74
C VAL B 45 12.08 -12.00 -7.69
N ARG B 46 11.14 -11.86 -6.75
CA ARG B 46 10.00 -12.78 -6.71
C ARG B 46 9.06 -12.53 -7.88
N GLU B 47 8.89 -11.27 -8.27
CA GLU B 47 8.10 -10.94 -9.46
C GLU B 47 8.76 -11.52 -10.71
N GLY B 48 9.98 -11.10 -11.00
CA GLY B 48 10.82 -11.79 -11.95
C GLY B 48 10.37 -11.79 -13.39
N GLU B 49 9.49 -10.88 -13.78
CA GLU B 49 8.97 -10.84 -15.15
C GLU B 49 9.20 -9.52 -15.86
N GLY B 50 9.73 -8.51 -15.18
CA GLY B 50 9.91 -7.19 -15.76
C GLY B 50 11.33 -6.95 -16.24
N ILE B 51 11.61 -5.67 -16.53
CA ILE B 51 12.90 -5.28 -17.07
C ILE B 51 14.00 -5.46 -16.02
N ALA B 52 13.68 -5.24 -14.75
CA ALA B 52 14.68 -5.40 -13.69
C ALA B 52 15.17 -6.84 -13.61
N ALA B 53 14.24 -7.80 -13.69
CA ALA B 53 14.62 -9.21 -13.62
C ALA B 53 15.54 -9.58 -14.77
N LYS B 54 15.19 -9.17 -15.99
CA LYS B 54 16.01 -9.49 -17.15
C LYS B 54 17.36 -8.80 -17.09
N ALA B 55 17.40 -7.59 -16.54
CA ALA B 55 18.69 -6.91 -16.36
C ALA B 55 19.56 -7.65 -15.36
N LEU B 56 18.96 -8.15 -14.27
CA LEU B 56 19.72 -8.92 -13.30
C LEU B 56 20.18 -10.24 -13.90
N GLN B 57 19.32 -10.88 -14.70
CA GLN B 57 19.73 -12.10 -15.39
C GLN B 57 20.87 -11.82 -16.36
N ALA B 58 20.79 -10.70 -17.08
CA ALA B 58 21.86 -10.34 -18.02
C ALA B 58 23.19 -10.14 -17.32
N LEU B 59 23.18 -9.81 -16.04
CA LEU B 59 24.39 -9.69 -15.23
C LEU B 59 24.72 -10.97 -14.48
N GLY B 60 24.09 -12.09 -14.86
CA GLY B 60 24.41 -13.37 -14.27
C GLY B 60 23.91 -13.60 -12.86
N LEU B 61 22.88 -12.87 -12.44
CA LEU B 61 22.32 -13.01 -11.10
C LEU B 61 20.91 -13.57 -11.19
N GLY B 62 20.76 -14.83 -10.80
CA GLY B 62 19.45 -15.41 -10.67
C GLY B 62 18.81 -15.06 -9.34
N SER B 63 17.50 -15.35 -9.25
CA SER B 63 16.78 -15.04 -8.01
C SER B 63 17.28 -15.88 -6.85
N GLU B 64 17.75 -17.09 -7.12
CA GLU B 64 18.29 -17.94 -6.05
C GLU B 64 19.49 -17.28 -5.39
N LYS B 65 20.50 -16.92 -6.19
CA LYS B 65 21.70 -16.30 -5.65
C LYS B 65 21.38 -15.03 -4.88
N ILE B 66 20.44 -14.23 -5.38
CA ILE B 66 20.10 -12.97 -4.73
C ILE B 66 19.40 -13.24 -3.40
N GLN B 67 18.51 -14.23 -3.35
CA GLN B 67 17.81 -14.55 -2.12
C GLN B 67 18.78 -14.93 -1.01
N LYS B 68 19.74 -15.80 -1.32
CA LYS B 68 20.65 -16.28 -0.28
C LYS B 68 21.58 -15.19 0.21
N GLU B 69 22.02 -14.31 -0.69
CA GLU B 69 22.85 -13.18 -0.26
C GLU B 69 22.08 -12.27 0.69
N VAL B 70 20.81 -12.01 0.37
CA VAL B 70 19.96 -11.23 1.28
C VAL B 70 19.81 -11.95 2.61
N GLU B 71 19.45 -13.23 2.57
CA GLU B 71 19.29 -14.01 3.80
C GLU B 71 20.58 -14.08 4.60
N SER B 72 21.73 -13.95 3.92
CA SER B 72 23.01 -13.98 4.61
C SER B 72 23.25 -12.74 5.47
N LEU B 73 22.51 -11.65 5.23
CA LEU B 73 22.74 -10.40 5.92
C LEU B 73 21.64 -10.00 6.89
N ILE B 74 20.50 -10.70 6.87
CA ILE B 74 19.38 -10.38 7.74
C ILE B 74 18.99 -11.62 8.52
N GLY B 75 18.29 -11.39 9.64
CA GLY B 75 17.76 -12.46 10.45
C GLY B 75 16.27 -12.67 10.21
N ARG B 76 15.68 -13.46 11.09
CA ARG B 76 14.23 -13.65 11.12
C ARG B 76 13.67 -12.99 12.38
N GLY B 77 12.52 -12.35 12.24
CA GLY B 77 11.90 -11.64 13.34
C GLY B 77 10.84 -12.45 14.05
N GLN B 78 10.28 -11.83 15.09
CA GLN B 78 9.20 -12.41 15.87
C GLN B 78 7.90 -11.64 15.76
N GLU B 79 7.86 -10.60 14.92
CA GLU B 79 6.69 -9.74 14.84
C GLU B 79 5.46 -10.53 14.38
N MET B 80 4.32 -10.25 15.00
CA MET B 80 3.05 -10.86 14.65
C MET B 80 1.99 -9.85 14.26
N SER B 81 2.32 -8.57 14.20
CA SER B 81 1.37 -7.55 13.81
C SER B 81 1.10 -7.65 12.31
N GLN B 82 -0.17 -7.88 11.95
CA GLN B 82 -0.55 -7.94 10.54
C GLN B 82 -0.51 -6.58 9.86
N THR B 83 -0.39 -5.49 10.63
CA THR B 83 -0.27 -4.14 10.09
C THR B 83 1.20 -3.72 10.17
N ILE B 84 1.83 -3.56 9.01
CA ILE B 84 3.27 -3.35 8.93
C ILE B 84 3.54 -2.17 7.99
N HIS B 85 4.63 -1.46 8.25
CA HIS B 85 4.93 -0.22 7.55
C HIS B 85 6.26 -0.31 6.81
N TYR B 86 6.41 0.56 5.81
CA TYR B 86 7.69 0.73 5.14
C TYR B 86 8.64 1.52 6.00
N THR B 87 9.89 1.07 6.10
CA THR B 87 10.91 1.83 6.81
C THR B 87 11.16 3.15 6.09
N PRO B 88 11.70 4.16 6.80
CA PRO B 88 12.02 5.42 6.12
C PRO B 88 12.95 5.24 4.93
N ARG B 89 13.91 4.33 5.01
CA ARG B 89 14.82 4.12 3.89
C ARG B 89 14.18 3.33 2.76
N ALA B 90 13.22 2.46 3.08
CA ALA B 90 12.46 1.81 2.02
C ALA B 90 11.65 2.82 1.23
N LYS B 91 11.09 3.82 1.91
CA LYS B 91 10.42 4.92 1.21
C LYS B 91 11.42 5.74 0.39
N LYS B 92 12.66 5.84 0.87
CA LYS B 92 13.70 6.51 0.09
C LYS B 92 13.90 5.81 -1.25
N VAL B 93 13.85 4.48 -1.26
CA VAL B 93 13.97 3.72 -2.50
C VAL B 93 12.86 4.12 -3.46
N ILE B 94 11.63 4.24 -2.96
CA ILE B 94 10.51 4.62 -3.81
C ILE B 94 10.69 6.04 -4.34
N GLU B 95 11.15 6.95 -3.48
CA GLU B 95 11.40 8.32 -3.93
C GLU B 95 12.49 8.36 -5.00
N LEU B 96 13.59 7.64 -4.77
CA LEU B 96 14.67 7.60 -5.74
C LEU B 96 14.25 6.91 -7.03
N SER B 97 13.32 5.96 -6.95
CA SER B 97 12.79 5.33 -8.15
C SER B 97 12.16 6.37 -9.07
N MET B 98 11.35 7.26 -8.50
CA MET B 98 10.72 8.32 -9.27
C MET B 98 11.77 9.31 -9.79
N ASP B 99 12.73 9.67 -8.95
CA ASP B 99 13.80 10.57 -9.36
C ASP B 99 14.60 9.99 -10.52
N GLU B 100 14.81 8.68 -10.52
CA GLU B 100 15.55 8.04 -11.60
C GLU B 100 14.75 8.06 -12.90
N ALA B 101 13.44 7.75 -12.81
CA ALA B 101 12.60 7.78 -14.00
C ALA B 101 12.58 9.17 -14.62
N ARG B 102 12.49 10.20 -13.78
CA ARG B 102 12.52 11.58 -14.28
CA ARG B 102 12.51 11.57 -14.28
C ARG B 102 13.79 11.86 -15.06
N LYS B 103 14.94 11.50 -14.50
CA LYS B 103 16.22 11.82 -15.13
C LYS B 103 16.47 10.99 -16.38
N LEU B 104 15.89 9.78 -16.45
CA LEU B 104 15.98 9.00 -17.68
C LEU B 104 14.97 9.43 -18.72
N GLY B 105 14.03 10.31 -18.37
CA GLY B 105 13.05 10.79 -19.32
C GLY B 105 11.83 9.91 -19.47
N HIS B 106 11.56 9.05 -18.50
CA HIS B 106 10.45 8.11 -18.59
C HIS B 106 9.21 8.69 -17.92
N SER B 107 8.06 8.48 -18.55
CA SER B 107 6.78 8.94 -18.02
C SER B 107 6.12 7.91 -17.12
N TYR B 108 6.82 6.83 -16.79
CA TYR B 108 6.31 5.77 -15.94
C TYR B 108 7.39 5.39 -14.94
N VAL B 109 6.98 4.70 -13.89
CA VAL B 109 7.92 4.09 -12.94
C VAL B 109 7.68 2.59 -12.98
N GLY B 110 8.63 1.86 -13.59
CA GLY B 110 8.58 0.42 -13.67
C GLY B 110 9.55 -0.24 -12.71
N THR B 111 9.63 -1.57 -12.84
CA THR B 111 10.51 -2.33 -11.95
C THR B 111 11.98 -1.98 -12.17
N GLU B 112 12.34 -1.53 -13.37
CA GLU B 112 13.72 -1.16 -13.63
C GLU B 112 14.15 0.03 -12.77
N HIS B 113 13.23 0.94 -12.48
CA HIS B 113 13.55 2.08 -11.64
C HIS B 113 13.63 1.70 -10.16
N ILE B 114 12.83 0.73 -9.72
CA ILE B 114 12.95 0.23 -8.36
C ILE B 114 14.32 -0.41 -8.15
N LEU B 115 14.79 -1.15 -9.15
CA LEU B 115 16.14 -1.72 -9.08
C LEU B 115 17.19 -0.62 -8.93
N LEU B 116 17.08 0.43 -9.74
CA LEU B 116 18.04 1.52 -9.67
C LEU B 116 17.87 2.31 -8.38
N GLY B 117 16.64 2.46 -7.90
CA GLY B 117 16.44 3.11 -6.61
C GLY B 117 17.05 2.34 -5.47
N LEU B 118 16.97 1.00 -5.52
CA LEU B 118 17.60 0.18 -4.50
C LEU B 118 19.10 0.42 -4.43
N ILE B 119 19.75 0.52 -5.60
CA ILE B 119 21.19 0.75 -5.62
C ILE B 119 21.50 2.17 -5.13
N ARG B 120 20.71 3.15 -5.58
CA ARG B 120 21.02 4.54 -5.24
C ARG B 120 20.79 4.84 -3.77
N GLU B 121 19.89 4.09 -3.10
CA GLU B 121 19.65 4.31 -1.69
C GLU B 121 20.93 4.14 -0.87
N GLY B 122 21.79 3.22 -1.28
CA GLY B 122 23.16 3.15 -0.77
C GLY B 122 23.45 2.43 0.53
N GLU B 123 22.71 2.77 1.59
CA GLU B 123 23.05 2.31 2.93
C GLU B 123 22.39 0.99 3.32
N GLY B 124 21.25 0.65 2.71
CA GLY B 124 20.47 -0.49 3.13
C GLY B 124 21.05 -1.83 2.73
N VAL B 125 20.34 -2.88 3.15
CA VAL B 125 20.78 -4.25 2.86
C VAL B 125 20.75 -4.50 1.35
N ALA B 126 19.70 -4.02 0.68
CA ALA B 126 19.55 -4.26 -0.75
C ALA B 126 20.74 -3.71 -1.53
N ALA B 127 21.15 -2.48 -1.21
CA ALA B 127 22.33 -1.91 -1.87
C ALA B 127 23.57 -2.73 -1.57
N ARG B 128 23.73 -3.16 -0.32
CA ARG B 128 24.85 -4.04 0.04
C ARG B 128 24.84 -5.30 -0.81
N VAL B 129 23.70 -6.00 -0.84
CA VAL B 129 23.59 -7.26 -1.57
C VAL B 129 23.97 -7.07 -3.03
N LEU B 130 23.42 -6.02 -3.66
CA LEU B 130 23.71 -5.77 -5.06
C LEU B 130 25.18 -5.43 -5.27
N ASN B 131 25.74 -4.59 -4.39
CA ASN B 131 27.16 -4.32 -4.46
C ASN B 131 27.98 -5.58 -4.16
N ASN B 132 27.52 -6.39 -3.20
CA ASN B 132 28.23 -7.61 -2.87
C ASN B 132 28.27 -8.58 -4.05
N LEU B 133 27.23 -8.59 -4.88
CA LEU B 133 27.19 -9.42 -6.08
C LEU B 133 27.78 -8.71 -7.29
N GLY B 134 28.36 -7.53 -7.11
CA GLY B 134 29.13 -6.91 -8.16
C GLY B 134 28.35 -6.24 -9.27
N VAL B 135 27.15 -5.74 -8.99
CA VAL B 135 26.41 -4.93 -9.94
C VAL B 135 26.48 -3.48 -9.48
N SER B 136 27.17 -2.66 -10.26
CA SER B 136 27.29 -1.24 -9.98
C SER B 136 26.08 -0.50 -10.52
N LEU B 137 25.91 0.75 -10.06
CA LEU B 137 24.81 1.57 -10.53
C LEU B 137 24.87 1.76 -12.04
N ASN B 138 26.07 1.98 -12.57
CA ASN B 138 26.21 2.28 -14.00
C ASN B 138 26.08 1.04 -14.86
N LYS B 139 26.61 -0.10 -14.40
CA LYS B 139 26.37 -1.36 -15.09
C LYS B 139 24.87 -1.65 -15.14
N ALA B 140 24.19 -1.45 -14.02
CA ALA B 140 22.75 -1.65 -13.97
C ALA B 140 22.01 -0.68 -14.89
N ARG B 141 22.47 0.58 -14.91
CA ARG B 141 21.88 1.55 -15.83
C ARG B 141 22.11 1.12 -17.28
N GLN B 142 23.37 0.82 -17.61
CA GLN B 142 23.69 0.31 -18.95
C GLN B 142 22.76 -0.82 -19.36
N GLN B 143 22.54 -1.79 -18.46
CA GLN B 143 21.76 -2.97 -18.80
C GLN B 143 20.29 -2.63 -18.99
N VAL B 144 19.74 -1.75 -18.15
CA VAL B 144 18.34 -1.35 -18.27
C VAL B 144 18.11 -0.58 -19.57
N LEU B 145 18.99 0.37 -19.86
CA LEU B 145 18.83 1.19 -21.07
C LEU B 145 18.96 0.35 -22.33
N GLN B 146 19.88 -0.62 -22.32
CA GLN B 146 20.03 -1.49 -23.48
C GLN B 146 18.79 -2.36 -23.69
N LEU B 147 18.19 -2.82 -22.59
CA LEU B 147 17.01 -3.67 -22.71
C LEU B 147 15.80 -2.88 -23.21
N LEU B 148 15.72 -1.59 -22.89
CA LEU B 148 14.61 -0.76 -23.36
C LEU B 148 14.83 -0.35 -24.81
C1 GOL C . -11.30 -4.28 1.27
O1 GOL C . -12.19 -4.53 2.33
C2 GOL C . -11.39 -2.78 0.96
O2 GOL C . -12.65 -2.26 1.22
C3 GOL C . -11.01 -2.66 -0.53
O3 GOL C . -9.72 -3.18 -0.66
C1 GOL D . -12.01 -12.23 7.91
O1 GOL D . -12.66 -11.97 9.12
C2 GOL D . -12.30 -11.05 6.98
O2 GOL D . -11.34 -10.93 5.98
C3 GOL D . -13.69 -11.34 6.37
O3 GOL D . -14.47 -11.90 7.39
C1 GOL E . -9.51 11.70 -3.41
O1 GOL E . -10.70 11.97 -2.73
C2 GOL E . -9.63 10.30 -4.06
O2 GOL E . -9.91 10.39 -5.42
C3 GOL E . -10.75 9.57 -3.28
O3 GOL E . -10.73 8.25 -3.71
C1 GOL F . -13.56 -0.16 15.49
O1 GOL F . -13.88 -0.88 16.63
C2 GOL F . -14.53 1.06 15.44
O2 GOL F . -14.13 2.08 16.29
C3 GOL F . -14.52 1.51 13.96
O3 GOL F . -14.86 2.86 13.95
C1 GOL G . 8.09 10.30 -14.20
O1 GOL G . 7.40 9.08 -14.20
C2 GOL G . 7.98 10.87 -12.79
O2 GOL G . 8.52 10.03 -11.83
C3 GOL G . 6.48 11.11 -12.58
O3 GOL G . 6.34 11.80 -11.37
C1 GOL H . 23.66 -12.33 9.45
O1 GOL H . 24.13 -11.04 9.56
C2 GOL H . 22.28 -12.36 10.14
O2 GOL H . 22.32 -11.85 11.43
C3 GOL H . 21.86 -13.86 10.12
O3 GOL H . 21.79 -14.23 8.79
MG MG I . 7.17 -2.53 -15.00
#